data_6VOV
#
_entry.id   6VOV
#
_cell.length_a   39.973
_cell.length_b   42.050
_cell.length_c   87.613
_cell.angle_alpha   81.015
_cell.angle_beta   90.330
_cell.angle_gamma   79.252
#
_symmetry.space_group_name_H-M   'P 1'
#
loop_
_entity.id
_entity.type
_entity.pdbx_description
1 polymer 'Tyrosine-protein kinase SYK'
2 non-polymer 6-(6-aminopyrazin-2-yl)-N-{4-[4-(oxetan-3-yl)piperazin-1-yl]phenyl}imidazo[1,2-a]pyrazin-8-amine
3 water water
#
_entity_poly.entity_id   1
_entity_poly.type   'polypeptide(L)'
_entity_poly.pdbx_seq_one_letter_code
;VYLDRKLLTLEDKELGSGNFGTVKKGYYQMKKVVKTVAVKILKNEANDPALKDELLAEANVMQQLDNPYIVRMIGICEAE
SWMLVMEMAELGPLNKYLQQNRHVKDKNIIELVHQVSMGMKYLEESNFVHRDLAARNVLLVTQHYAKISDFGLSKALRAD
ENYYKAQTHGKWPVKWYAPECINYYKFSSKSDVWSFGVLMWEAFSYGQKPYRGMKGSEVTAMLEKGERMGCPAGCPREMY
DLMNLCWTYDVENRPGFAAVELRLRNYYYDVVNEGHHHHHH
;
_entity_poly.pdbx_strand_id   A,B
#
# COMPACT_ATOMS: atom_id res chain seq x y z
N VAL A 1 -33.39 -28.70 1.34
CA VAL A 1 -33.31 -27.26 1.55
C VAL A 1 -34.44 -26.54 0.80
N TYR A 2 -35.45 -27.31 0.37
CA TYR A 2 -36.52 -26.82 -0.49
C TYR A 2 -37.80 -26.60 0.31
N LEU A 3 -38.22 -25.35 0.39
CA LEU A 3 -39.39 -24.84 1.09
C LEU A 3 -40.68 -25.02 0.29
N ASP A 4 -41.80 -25.03 1.02
CA ASP A 4 -43.15 -25.18 0.49
C ASP A 4 -43.78 -23.80 0.29
N ARG A 5 -44.07 -23.44 -0.96
CA ARG A 5 -44.69 -22.13 -1.23
C ARG A 5 -45.99 -21.86 -0.47
N LYS A 6 -46.82 -22.88 -0.23
CA LYS A 6 -48.05 -22.61 0.52
C LYS A 6 -47.75 -22.15 1.95
N LEU A 7 -46.58 -22.51 2.48
CA LEU A 7 -46.21 -22.18 3.85
C LEU A 7 -45.50 -20.83 3.93
N LEU A 8 -45.33 -20.14 2.78
CA LEU A 8 -44.70 -18.83 2.68
C LEU A 8 -45.74 -17.80 2.29
N THR A 9 -45.81 -16.70 3.03
CA THR A 9 -46.72 -15.59 2.76
C THR A 9 -45.94 -14.30 2.57
N LEU A 10 -46.02 -13.71 1.39
CA LEU A 10 -45.28 -12.47 1.14
C LEU A 10 -46.12 -11.21 1.30
N GLU A 11 -45.51 -10.15 1.85
CA GLU A 11 -46.08 -8.80 1.97
C GLU A 11 -45.76 -7.97 0.72
N ASP A 12 -46.71 -7.13 0.27
CA ASP A 12 -46.46 -6.31 -0.94
C ASP A 12 -45.30 -5.32 -0.79
N LYS A 13 -45.14 -4.65 0.36
CA LYS A 13 -44.03 -3.70 0.38
C LYS A 13 -42.71 -4.43 0.20
N GLU A 14 -41.78 -3.77 -0.50
CA GLU A 14 -40.45 -4.33 -0.73
C GLU A 14 -39.38 -3.68 0.14
N LEU A 15 -38.51 -4.53 0.66
CA LEU A 15 -37.40 -4.07 1.48
C LEU A 15 -36.27 -3.44 0.67
N GLY A 16 -35.95 -4.03 -0.48
CA GLY A 16 -34.84 -3.56 -1.29
C GLY A 16 -34.92 -4.20 -2.66
N SER A 17 -33.87 -3.95 -3.46
CA SER A 17 -33.79 -4.43 -4.83
C SER A 17 -32.33 -4.57 -5.25
N GLY A 18 -32.13 -5.38 -6.27
CA GLY A 18 -30.83 -5.68 -6.85
C GLY A 18 -31.05 -6.19 -8.25
N ASN A 19 -29.94 -6.44 -8.96
CA ASN A 19 -30.09 -6.88 -10.35
C ASN A 19 -30.89 -8.17 -10.42
N PHE A 20 -30.83 -8.96 -9.35
CA PHE A 20 -31.59 -10.19 -9.21
C PHE A 20 -33.10 -9.96 -9.24
N GLY A 21 -33.56 -8.84 -8.69
CA GLY A 21 -34.99 -8.59 -8.65
C GLY A 21 -35.36 -7.85 -7.37
N THR A 22 -36.30 -8.36 -6.59
CA THR A 22 -36.72 -7.65 -5.39
C THR A 22 -36.53 -8.47 -4.12
N VAL A 23 -36.50 -7.75 -3.01
CA VAL A 23 -36.51 -8.31 -1.66
C VAL A 23 -37.81 -7.91 -0.99
N LYS A 24 -38.53 -8.89 -0.48
CA LYS A 24 -39.80 -8.62 0.20
C LYS A 24 -39.82 -9.26 1.57
N LYS A 25 -40.61 -8.66 2.45
CA LYS A 25 -40.81 -9.24 3.76
C LYS A 25 -41.84 -10.33 3.62
N GLY A 26 -41.68 -11.38 4.42
CA GLY A 26 -42.65 -12.46 4.39
C GLY A 26 -42.71 -13.20 5.71
N TYR A 27 -43.51 -14.25 5.72
CA TYR A 27 -43.67 -15.06 6.90
C TYR A 27 -43.64 -16.51 6.47
N TYR A 28 -42.88 -17.33 7.17
CA TYR A 28 -42.80 -18.75 6.87
C TYR A 28 -43.24 -19.55 8.08
N GLN A 29 -44.19 -20.44 7.84
CA GLN A 29 -44.75 -21.32 8.85
C GLN A 29 -43.76 -22.44 9.13
N MET A 30 -43.05 -22.34 10.25
CA MET A 30 -42.06 -23.34 10.64
C MET A 30 -42.76 -24.47 11.37
N LYS A 31 -42.00 -25.20 12.21
CA LYS A 31 -42.51 -26.41 12.84
C LYS A 31 -43.78 -26.14 13.63
N LYS A 32 -43.91 -24.94 14.22
CA LYS A 32 -45.08 -24.59 15.03
C LYS A 32 -45.28 -23.08 15.06
N VAL A 33 -44.26 -22.38 15.53
CA VAL A 33 -44.08 -20.94 15.39
C VAL A 33 -43.84 -20.55 13.94
N VAL A 34 -44.23 -19.32 13.62
CA VAL A 34 -44.07 -18.76 12.28
C VAL A 34 -42.90 -17.80 12.40
N LYS A 35 -42.06 -17.77 11.38
CA LYS A 35 -40.82 -17.01 11.37
C LYS A 35 -40.85 -15.85 10.39
N THR A 36 -40.54 -14.63 10.86
CA THR A 36 -40.48 -13.51 9.93
C THR A 36 -39.22 -13.63 9.05
N VAL A 37 -39.39 -13.43 7.73
CA VAL A 37 -38.30 -13.63 6.78
C VAL A 37 -38.20 -12.46 5.81
N ALA A 38 -37.02 -12.36 5.19
CA ALA A 38 -36.75 -11.48 4.07
C ALA A 38 -36.52 -12.41 2.89
N VAL A 39 -37.15 -12.12 1.76
CA VAL A 39 -37.11 -13.03 0.63
C VAL A 39 -36.57 -12.31 -0.59
N LYS A 40 -35.54 -12.88 -1.19
CA LYS A 40 -35.01 -12.40 -2.46
C LYS A 40 -35.81 -13.11 -3.53
N ILE A 41 -36.47 -12.34 -4.38
CA ILE A 41 -37.31 -12.89 -5.43
C ILE A 41 -36.66 -12.56 -6.76
N LEU A 42 -36.36 -13.60 -7.52
CA LEU A 42 -35.74 -13.48 -8.83
C LEU A 42 -36.67 -12.87 -9.86
N LYS A 43 -36.12 -11.99 -10.68
CA LYS A 43 -36.86 -11.22 -11.69
C LYS A 43 -37.82 -12.08 -12.51
N PRO A 49 -30.90 -14.25 -16.58
CA PRO A 49 -30.87 -15.57 -17.22
C PRO A 49 -29.84 -16.48 -16.59
N ALA A 50 -28.69 -15.90 -16.26
CA ALA A 50 -27.71 -16.48 -15.36
C ALA A 50 -28.00 -16.16 -13.90
N LEU A 51 -29.05 -15.38 -13.65
CA LEU A 51 -29.43 -15.02 -12.29
C LEU A 51 -29.87 -16.24 -11.48
N LYS A 52 -30.61 -17.18 -12.09
CA LYS A 52 -30.99 -18.36 -11.34
C LYS A 52 -29.76 -19.10 -10.85
N ASP A 53 -28.80 -19.38 -11.74
CA ASP A 53 -27.57 -20.04 -11.32
C ASP A 53 -26.84 -19.22 -10.26
N GLU A 54 -26.82 -17.90 -10.42
CA GLU A 54 -26.19 -17.01 -9.44
C GLU A 54 -26.92 -17.06 -8.09
N LEU A 55 -28.26 -17.07 -8.11
CA LEU A 55 -29.01 -17.15 -6.87
C LEU A 55 -28.78 -18.49 -6.21
N LEU A 56 -28.73 -19.57 -7.00
CA LEU A 56 -28.45 -20.88 -6.45
C LEU A 56 -27.05 -20.95 -5.88
N ALA A 57 -26.09 -20.26 -6.50
CA ALA A 57 -24.73 -20.24 -5.96
C ALA A 57 -24.72 -19.52 -4.62
N GLU A 58 -25.49 -18.44 -4.50
CA GLU A 58 -25.60 -17.70 -3.25
C GLU A 58 -26.16 -18.60 -2.16
N ALA A 59 -27.23 -19.32 -2.48
CA ALA A 59 -27.83 -20.27 -1.54
C ALA A 59 -26.82 -21.33 -1.13
N ASN A 60 -26.02 -21.81 -2.09
CA ASN A 60 -25.03 -22.83 -1.79
C ASN A 60 -24.01 -22.36 -0.76
N VAL A 61 -23.56 -21.11 -0.88
CA VAL A 61 -22.65 -20.55 0.12
C VAL A 61 -23.37 -20.45 1.47
N MET A 62 -24.56 -19.84 1.49
CA MET A 62 -25.24 -19.65 2.78
C MET A 62 -25.55 -20.97 3.47
N GLN A 63 -25.83 -22.03 2.69
CA GLN A 63 -26.07 -23.34 3.30
C GLN A 63 -24.89 -23.84 4.10
N GLN A 64 -23.69 -23.52 3.65
CA GLN A 64 -22.47 -24.00 4.30
C GLN A 64 -22.07 -23.16 5.49
N LEU A 65 -22.66 -22.00 5.68
CA LEU A 65 -22.22 -21.13 6.74
C LEU A 65 -23.19 -21.22 7.92
N ASP A 66 -22.60 -21.25 9.11
CA ASP A 66 -23.35 -21.36 10.36
C ASP A 66 -22.56 -20.60 11.42
N ASN A 67 -22.92 -19.33 11.60
CA ASN A 67 -22.21 -18.43 12.50
C ASN A 67 -23.20 -17.39 12.99
N PRO A 68 -23.09 -16.94 14.24
CA PRO A 68 -24.06 -15.96 14.76
C PRO A 68 -24.05 -14.60 14.07
N TYR A 69 -22.99 -14.26 13.34
CA TYR A 69 -22.90 -12.95 12.70
C TYR A 69 -23.03 -13.01 11.19
N ILE A 70 -23.67 -14.06 10.68
CA ILE A 70 -23.97 -14.21 9.27
C ILE A 70 -25.46 -14.48 9.15
N VAL A 71 -26.13 -13.78 8.24
CA VAL A 71 -27.58 -13.97 8.09
C VAL A 71 -27.86 -15.43 7.79
N ARG A 72 -28.88 -16.01 8.42
CA ARG A 72 -29.15 -17.40 8.14
C ARG A 72 -30.18 -17.53 7.05
N MET A 73 -29.95 -18.50 6.21
CA MET A 73 -30.89 -18.85 5.18
C MET A 73 -31.85 -19.90 5.74
N ILE A 74 -33.11 -19.76 5.41
CA ILE A 74 -34.11 -20.77 5.76
C ILE A 74 -34.17 -21.81 4.65
N GLY A 75 -34.19 -21.35 3.40
CA GLY A 75 -34.24 -22.29 2.31
C GLY A 75 -34.54 -21.57 1.02
N ILE A 76 -34.83 -22.38 0.02
CA ILE A 76 -35.14 -21.93 -1.32
C ILE A 76 -36.53 -22.43 -1.62
N CYS A 77 -37.21 -21.70 -2.50
CA CYS A 77 -38.56 -22.03 -2.91
C CYS A 77 -38.64 -21.73 -4.39
N GLU A 78 -39.14 -22.68 -5.15
CA GLU A 78 -39.34 -22.52 -6.57
C GLU A 78 -40.84 -22.43 -6.84
N ALA A 79 -41.35 -21.22 -7.06
CA ALA A 79 -42.77 -21.05 -7.32
C ALA A 79 -42.95 -20.13 -8.52
N GLU A 80 -43.73 -19.06 -8.36
CA GLU A 80 -43.88 -18.11 -9.45
C GLU A 80 -42.53 -17.58 -9.90
N SER A 81 -41.54 -17.62 -9.01
CA SER A 81 -40.16 -17.26 -9.31
C SER A 81 -39.26 -17.97 -8.30
N TRP A 82 -37.97 -17.97 -8.57
CA TRP A 82 -37.02 -18.53 -7.63
C TRP A 82 -36.91 -17.59 -6.43
N MET A 83 -36.91 -18.15 -5.23
CA MET A 83 -36.87 -17.34 -4.02
C MET A 83 -35.83 -17.84 -3.03
N LEU A 84 -35.11 -16.90 -2.44
CA LEU A 84 -34.11 -17.21 -1.42
C LEU A 84 -34.68 -16.64 -0.12
N VAL A 85 -35.05 -17.53 0.79
CA VAL A 85 -35.73 -17.16 2.04
C VAL A 85 -34.73 -17.10 3.19
N MET A 86 -34.66 -15.97 3.89
CA MET A 86 -33.64 -15.87 4.92
C MET A 86 -34.32 -15.40 6.18
N GLU A 87 -33.65 -15.55 7.33
CA GLU A 87 -34.20 -15.00 8.56
C GLU A 87 -34.23 -13.49 8.39
N MET A 88 -35.21 -12.81 9.00
CA MET A 88 -35.34 -11.37 8.82
C MET A 88 -34.46 -10.61 9.81
N ALA A 89 -33.66 -9.64 9.30
CA ALA A 89 -32.95 -8.67 10.15
C ALA A 89 -33.78 -7.40 10.02
N GLU A 90 -34.64 -7.21 11.02
CA GLU A 90 -35.68 -6.19 11.03
C GLU A 90 -35.20 -4.76 10.82
N LEU A 91 -34.03 -4.39 11.35
CA LEU A 91 -33.64 -2.99 11.27
C LEU A 91 -32.94 -2.64 9.98
N GLY A 92 -32.63 -3.62 9.14
CA GLY A 92 -32.10 -3.35 7.82
C GLY A 92 -30.63 -2.98 7.70
N PRO A 93 -30.29 -2.47 6.52
CA PRO A 93 -28.88 -2.14 6.23
C PRO A 93 -28.30 -1.10 7.19
N LEU A 94 -27.03 -1.34 7.56
CA LEU A 94 -26.34 -0.48 8.55
C LEU A 94 -26.18 0.96 8.08
N ASN A 95 -25.84 1.20 6.81
CA ASN A 95 -25.63 2.57 6.35
C ASN A 95 -26.91 3.40 6.44
N LYS A 96 -28.05 2.87 5.98
CA LYS A 96 -29.31 3.60 6.07
C LYS A 96 -29.69 3.83 7.52
N TYR A 97 -29.52 2.83 8.39
CA TYR A 97 -29.85 2.99 9.80
C TYR A 97 -29.04 4.13 10.40
N LEU A 98 -27.74 4.17 10.13
CA LEU A 98 -26.94 5.22 10.75
C LEU A 98 -27.26 6.59 10.16
N GLN A 99 -27.66 6.65 8.90
CA GLN A 99 -28.02 7.94 8.34
C GLN A 99 -29.22 8.53 9.09
N GLN A 100 -30.11 7.66 9.56
CA GLN A 100 -31.32 8.03 10.26
C GLN A 100 -31.16 8.05 11.80
N ASN A 101 -30.04 7.54 12.35
CA ASN A 101 -29.84 7.48 13.81
C ASN A 101 -28.43 7.94 14.22
N ARG A 102 -28.20 9.24 14.11
CA ARG A 102 -26.90 9.87 14.35
C ARG A 102 -26.49 9.88 15.80
N HIS A 103 -27.30 9.37 16.72
CA HIS A 103 -26.95 9.40 18.13
C HIS A 103 -26.45 8.08 18.65
N VAL A 104 -26.20 7.10 17.78
CA VAL A 104 -25.60 5.88 18.27
C VAL A 104 -24.21 6.21 18.80
N LYS A 105 -23.87 5.64 19.95
CA LYS A 105 -22.57 5.90 20.52
C LYS A 105 -21.47 5.25 19.68
N ASP A 106 -20.36 5.95 19.51
CA ASP A 106 -19.21 5.36 18.86
C ASP A 106 -18.90 3.99 19.45
N LYS A 107 -19.05 3.86 20.77
CA LYS A 107 -18.88 2.57 21.43
C LYS A 107 -19.85 1.56 20.81
N ASN A 108 -21.07 2.01 20.52
CA ASN A 108 -22.05 1.12 19.91
C ASN A 108 -21.58 0.72 18.51
N ILE A 109 -21.01 1.67 17.76
CA ILE A 109 -20.46 1.38 16.44
C ILE A 109 -19.32 0.37 16.53
N ILE A 110 -18.44 0.54 17.51
CA ILE A 110 -17.34 -0.41 17.66
C ILE A 110 -17.88 -1.81 17.89
N GLU A 111 -18.89 -1.94 18.75
CA GLU A 111 -19.52 -3.24 18.99
C GLU A 111 -20.00 -3.83 17.67
N LEU A 112 -20.68 -3.01 16.83
CA LEU A 112 -21.22 -3.53 15.58
C LEU A 112 -20.10 -3.91 14.61
N VAL A 113 -19.09 -3.04 14.44
CA VAL A 113 -18.01 -3.38 13.52
C VAL A 113 -17.20 -4.55 14.04
N HIS A 114 -17.10 -4.72 15.36
CA HIS A 114 -16.40 -5.88 15.88
C HIS A 114 -17.18 -7.16 15.55
N GLN A 115 -18.51 -7.10 15.65
CA GLN A 115 -19.34 -8.24 15.28
C GLN A 115 -19.11 -8.59 13.82
N VAL A 116 -19.01 -7.58 12.96
CA VAL A 116 -18.77 -7.85 11.55
C VAL A 116 -17.43 -8.56 11.37
N SER A 117 -16.38 -8.14 12.09
CA SER A 117 -15.08 -8.81 11.99
C SER A 117 -15.16 -10.26 12.46
N MET A 118 -16.02 -10.56 13.43
CA MET A 118 -16.13 -11.96 13.85
C MET A 118 -16.79 -12.81 12.77
N GLY A 119 -17.83 -12.29 12.12
CA GLY A 119 -18.41 -13.02 11.02
C GLY A 119 -17.40 -13.19 9.91
N MET A 120 -16.62 -12.13 9.64
CA MET A 120 -15.61 -12.19 8.59
C MET A 120 -14.44 -13.09 8.98
N LYS A 121 -14.07 -13.12 10.26
CA LYS A 121 -13.05 -14.06 10.73
C LYS A 121 -13.49 -15.49 10.46
N TYR A 122 -14.77 -15.78 10.70
CA TYR A 122 -15.31 -17.11 10.44
C TYR A 122 -15.28 -17.42 8.96
N LEU A 123 -15.68 -16.45 8.15
CA LEU A 123 -15.65 -16.64 6.70
C LEU A 123 -14.22 -16.88 6.22
N GLU A 124 -13.26 -16.14 6.75
CA GLU A 124 -11.86 -16.35 6.36
C GLU A 124 -11.40 -17.75 6.79
N GLU A 125 -11.74 -18.14 8.01
CA GLU A 125 -11.38 -19.46 8.52
C GLU A 125 -11.99 -20.55 7.65
N SER A 126 -13.17 -20.27 7.08
CA SER A 126 -13.90 -21.20 6.22
C SER A 126 -13.39 -21.17 4.80
N ASN A 127 -12.47 -20.24 4.48
CA ASN A 127 -11.89 -20.08 3.16
C ASN A 127 -12.94 -19.67 2.11
N PHE A 128 -13.81 -18.74 2.52
CA PHE A 128 -14.74 -18.10 1.61
C PHE A 128 -14.35 -16.63 1.55
N VAL A 129 -14.45 -16.04 0.37
CA VAL A 129 -14.26 -14.61 0.19
C VAL A 129 -15.64 -14.02 -0.09
N HIS A 130 -15.95 -12.89 0.56
CA HIS A 130 -17.26 -12.27 0.41
C HIS A 130 -17.38 -11.52 -0.90
N ARG A 131 -16.40 -10.64 -1.17
CA ARG A 131 -16.26 -9.87 -2.40
C ARG A 131 -17.28 -8.75 -2.56
N ASP A 132 -18.12 -8.51 -1.54
CA ASP A 132 -19.08 -7.38 -1.59
C ASP A 132 -19.31 -6.80 -0.21
N LEU A 133 -18.25 -6.71 0.59
CA LEU A 133 -18.41 -6.31 1.97
C LEU A 133 -18.52 -4.79 2.00
N ALA A 134 -19.62 -4.28 2.53
CA ALA A 134 -19.89 -2.85 2.50
C ALA A 134 -20.96 -2.61 3.53
N ALA A 135 -21.07 -1.34 3.97
CA ALA A 135 -22.05 -1.05 5.01
C ALA A 135 -23.48 -1.39 4.56
N ARG A 136 -23.76 -1.34 3.25
CA ARG A 136 -25.11 -1.67 2.78
C ARG A 136 -25.43 -3.15 2.94
N ASN A 137 -24.43 -4.00 3.15
CA ASN A 137 -24.57 -5.46 3.28
C ASN A 137 -24.30 -5.90 4.70
N VAL A 138 -24.50 -5.01 5.64
CA VAL A 138 -24.47 -5.38 7.04
C VAL A 138 -25.87 -5.06 7.52
N LEU A 139 -26.51 -6.05 8.12
CA LEU A 139 -27.88 -5.86 8.53
C LEU A 139 -27.94 -5.88 10.04
N LEU A 140 -28.87 -5.09 10.56
CA LEU A 140 -29.07 -5.00 12.00
C LEU A 140 -30.27 -5.82 12.42
N VAL A 141 -30.03 -6.76 13.33
CA VAL A 141 -31.12 -7.48 13.95
C VAL A 141 -31.73 -6.59 15.01
N THR A 142 -30.85 -5.97 15.81
CA THR A 142 -31.16 -4.92 16.78
C THR A 142 -30.03 -3.92 16.66
N GLN A 143 -30.12 -2.83 17.42
CA GLN A 143 -29.04 -1.84 17.39
C GLN A 143 -27.73 -2.36 17.96
N HIS A 144 -27.72 -3.53 18.59
CA HIS A 144 -26.50 -4.11 19.15
C HIS A 144 -26.16 -5.49 18.57
N TYR A 145 -26.77 -5.84 17.43
CA TYR A 145 -26.51 -7.14 16.80
C TYR A 145 -26.50 -6.96 15.29
N ALA A 146 -25.32 -7.10 14.68
CA ALA A 146 -25.12 -6.97 13.25
C ALA A 146 -24.87 -8.33 12.64
N LYS A 147 -25.35 -8.52 11.42
CA LYS A 147 -25.13 -9.74 10.67
C LYS A 147 -24.72 -9.38 9.24
N ILE A 148 -23.79 -10.14 8.69
CA ILE A 148 -23.33 -9.95 7.32
C ILE A 148 -24.29 -10.62 6.36
N SER A 149 -24.57 -9.99 5.22
CA SER A 149 -25.51 -10.56 4.25
C SER A 149 -24.92 -10.48 2.85
N ASP A 150 -25.73 -10.82 1.83
CA ASP A 150 -25.42 -10.64 0.40
C ASP A 150 -24.17 -11.37 -0.08
N PHE A 151 -24.29 -12.70 -0.12
CA PHE A 151 -23.25 -13.62 -0.55
C PHE A 151 -23.30 -13.90 -2.06
N GLY A 152 -23.99 -13.05 -2.82
CA GLY A 152 -24.13 -13.26 -4.27
C GLY A 152 -22.83 -13.29 -5.04
N LEU A 153 -21.80 -12.63 -4.55
CA LEU A 153 -20.52 -12.62 -5.23
C LEU A 153 -19.51 -13.52 -4.53
N SER A 154 -19.93 -14.25 -3.50
CA SER A 154 -18.92 -14.90 -2.69
C SER A 154 -18.39 -16.14 -3.41
N LYS A 155 -17.18 -16.54 -3.03
CA LYS A 155 -16.55 -17.70 -3.66
C LYS A 155 -15.91 -18.58 -2.62
N ALA A 156 -16.00 -19.90 -2.84
CA ALA A 156 -15.31 -20.88 -2.01
C ALA A 156 -13.92 -21.02 -2.61
N LEU A 157 -12.91 -20.70 -1.84
CA LEU A 157 -11.56 -20.81 -2.35
C LEU A 157 -11.15 -22.26 -2.55
N ARG A 158 -10.34 -22.51 -3.59
CA ARG A 158 -9.81 -23.85 -3.81
C ARG A 158 -8.91 -24.22 -2.65
N ALA A 159 -8.79 -25.53 -2.38
CA ALA A 159 -7.94 -25.99 -1.28
C ALA A 159 -6.48 -25.58 -1.41
N ASP A 160 -5.99 -25.33 -2.62
CA ASP A 160 -4.57 -25.06 -2.84
C ASP A 160 -4.24 -23.61 -3.11
N GLU A 161 -5.22 -22.70 -3.09
CA GLU A 161 -4.98 -21.30 -3.36
C GLU A 161 -5.67 -20.46 -2.29
N ASN A 162 -5.12 -19.28 -2.03
CA ASN A 162 -5.74 -18.37 -1.06
C ASN A 162 -6.41 -17.17 -1.75
N TYR A 163 -6.62 -17.24 -3.06
CA TYR A 163 -7.33 -16.19 -3.76
C TYR A 163 -8.16 -16.75 -4.90
N TYR A 164 -9.20 -16.01 -5.26
CA TYR A 164 -10.03 -16.30 -6.42
C TYR A 164 -9.68 -15.29 -7.51
N LYS A 165 -9.42 -15.75 -8.72
CA LYS A 165 -9.12 -14.84 -9.83
C LYS A 165 -10.32 -14.66 -10.76
N ALA A 166 -10.85 -13.46 -10.84
CA ALA A 166 -11.95 -13.25 -11.76
C ALA A 166 -11.41 -13.27 -13.19
N GLN A 167 -12.28 -13.60 -14.14
CA GLN A 167 -11.85 -13.68 -15.54
C GLN A 167 -11.41 -12.32 -16.11
N TRP A 172 -18.53 -3.87 -10.80
CA TRP A 172 -17.86 -4.04 -9.51
C TRP A 172 -17.96 -2.83 -8.60
N PRO A 173 -18.06 -3.07 -7.28
CA PRO A 173 -18.07 -1.95 -6.31
C PRO A 173 -16.65 -1.45 -6.07
N VAL A 174 -16.09 -0.80 -7.09
CA VAL A 174 -14.71 -0.32 -7.12
C VAL A 174 -14.28 0.37 -5.83
N LYS A 175 -15.15 1.21 -5.25
CA LYS A 175 -14.76 1.95 -4.05
C LYS A 175 -14.49 1.06 -2.83
N TRP A 176 -14.93 -0.21 -2.84
CA TRP A 176 -14.69 -1.10 -1.71
C TRP A 176 -13.59 -2.11 -1.99
N TYR A 177 -13.01 -2.09 -3.20
CA TYR A 177 -12.03 -3.07 -3.64
C TYR A 177 -10.60 -2.63 -3.42
N ALA A 178 -9.77 -3.57 -2.97
CA ALA A 178 -8.36 -3.33 -2.74
C ALA A 178 -7.67 -3.19 -4.09
N PRO A 179 -6.49 -2.57 -4.11
CA PRO A 179 -5.75 -2.41 -5.37
C PRO A 179 -5.50 -3.69 -6.16
N GLU A 180 -5.18 -4.81 -5.48
CA GLU A 180 -4.92 -6.03 -6.20
C GLU A 180 -6.16 -6.58 -6.89
N CYS A 181 -7.38 -6.21 -6.44
CA CYS A 181 -8.58 -6.65 -7.13
C CYS A 181 -8.71 -5.92 -8.45
N ILE A 182 -8.50 -4.60 -8.43
CA ILE A 182 -8.62 -3.77 -9.62
C ILE A 182 -7.53 -4.08 -10.63
N ASN A 183 -6.29 -4.21 -10.17
CA ASN A 183 -5.16 -4.37 -11.08
C ASN A 183 -4.97 -5.81 -11.55
N TYR A 184 -5.19 -6.79 -10.68
CA TYR A 184 -4.90 -8.17 -11.00
C TYR A 184 -6.12 -9.08 -10.96
N TYR A 185 -7.28 -8.57 -10.57
CA TYR A 185 -8.50 -9.36 -10.50
C TYR A 185 -8.40 -10.48 -9.45
N LYS A 186 -7.60 -10.30 -8.40
CA LYS A 186 -7.40 -11.33 -7.38
C LYS A 186 -8.11 -10.96 -6.08
N PHE A 187 -8.98 -11.84 -5.61
CA PHE A 187 -9.82 -11.61 -4.44
C PHE A 187 -9.49 -12.59 -3.33
N SER A 188 -9.09 -12.09 -2.17
CA SER A 188 -8.74 -12.94 -1.04
C SER A 188 -9.39 -12.41 0.21
N SER A 189 -9.16 -13.10 1.33
CA SER A 189 -9.67 -12.57 2.58
C SER A 189 -9.02 -11.24 2.89
N LYS A 190 -7.76 -11.06 2.49
CA LYS A 190 -7.12 -9.77 2.67
C LYS A 190 -7.81 -8.70 1.85
N SER A 191 -8.33 -9.06 0.68
CA SER A 191 -9.13 -8.11 -0.10
C SER A 191 -10.37 -7.72 0.66
N ASP A 192 -11.02 -8.69 1.31
CA ASP A 192 -12.14 -8.38 2.17
C ASP A 192 -11.73 -7.47 3.34
N VAL A 193 -10.49 -7.62 3.86
CA VAL A 193 -10.02 -6.73 4.92
C VAL A 193 -10.02 -5.29 4.47
N TRP A 194 -9.53 -5.03 3.26
CA TRP A 194 -9.57 -3.68 2.73
C TRP A 194 -11.01 -3.15 2.69
N SER A 195 -11.94 -3.99 2.23
CA SER A 195 -13.34 -3.59 2.21
C SER A 195 -13.84 -3.29 3.61
N PHE A 196 -13.46 -4.12 4.57
CA PHE A 196 -13.83 -3.88 5.96
C PHE A 196 -13.34 -2.53 6.43
N GLY A 197 -12.16 -2.11 5.97
CA GLY A 197 -11.72 -0.76 6.31
C GLY A 197 -12.65 0.30 5.76
N VAL A 198 -13.09 0.15 4.51
CA VAL A 198 -14.03 1.10 3.93
C VAL A 198 -15.37 1.02 4.68
N LEU A 199 -15.84 -0.19 4.98
CA LEU A 199 -17.05 -0.34 5.77
C LEU A 199 -16.93 0.39 7.10
N MET A 200 -15.78 0.25 7.78
CA MET A 200 -15.56 0.98 9.01
C MET A 200 -15.70 2.47 8.78
N TRP A 201 -15.07 2.97 7.72
CA TRP A 201 -15.18 4.39 7.44
C TRP A 201 -16.64 4.78 7.25
N GLU A 202 -17.40 3.97 6.50
CA GLU A 202 -18.82 4.25 6.31
C GLU A 202 -19.57 4.27 7.63
N ALA A 203 -19.29 3.31 8.50
CA ALA A 203 -20.02 3.24 9.76
C ALA A 203 -19.77 4.48 10.62
N PHE A 204 -18.50 4.87 10.75
CA PHE A 204 -18.14 6.03 11.56
C PHE A 204 -18.52 7.34 10.90
N SER A 205 -18.89 7.34 9.63
CA SER A 205 -19.38 8.53 8.96
C SER A 205 -20.91 8.54 8.94
N TYR A 206 -21.54 7.65 9.73
CA TYR A 206 -23.00 7.58 9.82
C TYR A 206 -23.64 7.38 8.45
N GLY A 207 -23.04 6.46 7.69
CA GLY A 207 -23.55 6.02 6.39
C GLY A 207 -23.34 6.91 5.19
N GLN A 208 -22.38 7.84 5.23
CA GLN A 208 -22.02 8.60 4.04
C GLN A 208 -21.31 7.68 3.04
N LYS A 209 -21.46 7.98 1.76
CA LYS A 209 -20.79 7.22 0.73
C LYS A 209 -19.30 7.53 0.73
N PRO A 210 -18.43 6.54 0.54
CA PRO A 210 -17.00 6.84 0.52
C PRO A 210 -16.58 7.46 -0.81
N TYR A 211 -15.49 8.22 -0.77
CA TYR A 211 -14.93 8.86 -1.97
C TYR A 211 -16.03 9.60 -2.72
N ARG A 212 -16.80 10.39 -1.98
CA ARG A 212 -17.92 11.14 -2.52
C ARG A 212 -17.53 11.88 -3.80
N GLY A 213 -18.34 11.69 -4.85
CA GLY A 213 -18.19 12.43 -6.11
C GLY A 213 -17.03 12.05 -7.00
N MET A 214 -16.34 10.95 -6.74
CA MET A 214 -15.15 10.55 -7.48
C MET A 214 -15.47 9.36 -8.37
N LYS A 215 -14.85 9.33 -9.55
CA LYS A 215 -15.00 8.17 -10.41
C LYS A 215 -14.10 7.05 -9.89
N GLY A 216 -14.42 5.80 -10.26
CA GLY A 216 -13.57 4.68 -9.86
C GLY A 216 -12.12 4.85 -10.28
N SER A 217 -11.89 5.32 -11.50
CA SER A 217 -10.52 5.55 -11.96
C SER A 217 -9.85 6.64 -11.14
N GLU A 218 -10.61 7.63 -10.69
CA GLU A 218 -10.05 8.68 -9.85
C GLU A 218 -9.71 8.12 -8.47
N VAL A 219 -10.50 7.17 -7.99
CA VAL A 219 -10.23 6.55 -6.71
C VAL A 219 -8.92 5.77 -6.79
N THR A 220 -8.77 4.97 -7.85
CA THR A 220 -7.56 4.18 -8.07
C THR A 220 -6.30 5.05 -8.15
N ALA A 221 -6.35 6.18 -8.84
CA ALA A 221 -5.20 7.06 -8.91
C ALA A 221 -4.80 7.58 -7.53
N MET A 222 -5.78 8.00 -6.75
CA MET A 222 -5.55 8.50 -5.39
C MET A 222 -4.86 7.47 -4.51
N LEU A 223 -5.38 6.24 -4.49
CA LEU A 223 -4.77 5.20 -3.66
C LEU A 223 -3.35 4.89 -4.09
N GLU A 224 -3.09 4.87 -5.40
CA GLU A 224 -1.73 4.59 -5.90
C GLU A 224 -0.73 5.64 -5.41
N LYS A 225 -1.20 6.88 -5.19
CA LYS A 225 -0.44 7.99 -4.64
C LYS A 225 -0.23 7.89 -3.14
N GLY A 226 -0.74 6.83 -2.51
CA GLY A 226 -0.65 6.71 -1.07
C GLY A 226 -1.64 7.54 -0.29
N GLU A 227 -2.63 8.13 -0.95
CA GLU A 227 -3.64 8.94 -0.27
C GLU A 227 -4.81 8.05 0.18
N ARG A 228 -5.44 8.39 1.30
CA ARG A 228 -6.57 7.66 1.87
C ARG A 228 -7.64 8.66 2.32
N MET A 229 -8.87 8.16 2.46
CA MET A 229 -9.91 9.03 2.98
C MET A 229 -9.52 9.55 4.36
N GLY A 230 -9.96 10.78 4.67
CA GLY A 230 -9.67 11.35 5.95
C GLY A 230 -10.53 10.79 7.05
N CYS A 231 -10.22 11.22 8.26
CA CYS A 231 -10.94 10.74 9.43
C CYS A 231 -12.34 11.35 9.49
N PRO A 232 -13.40 10.56 9.53
CA PRO A 232 -14.75 11.14 9.66
C PRO A 232 -14.88 11.93 10.95
N ALA A 233 -15.77 12.93 10.92
CA ALA A 233 -16.01 13.75 12.10
C ALA A 233 -16.42 12.88 13.29
N GLY A 234 -15.74 13.09 14.43
CA GLY A 234 -16.01 12.36 15.66
C GLY A 234 -15.51 10.95 15.74
N CYS A 235 -14.79 10.45 14.74
CA CYS A 235 -14.28 9.08 14.78
C CYS A 235 -13.08 8.93 15.72
N PRO A 236 -13.10 7.94 16.63
CA PRO A 236 -11.95 7.73 17.53
C PRO A 236 -10.69 7.38 16.77
N ARG A 237 -9.55 7.94 17.22
CA ARG A 237 -8.24 7.70 16.60
C ARG A 237 -7.91 6.22 16.40
N GLU A 238 -8.16 5.36 17.40
CA GLU A 238 -7.83 3.95 17.24
C GLU A 238 -8.58 3.32 16.08
N MET A 239 -9.83 3.72 15.87
CA MET A 239 -10.57 3.12 14.78
C MET A 239 -10.10 3.64 13.44
N TYR A 240 -9.71 4.92 13.36
CA TYR A 240 -9.14 5.45 12.11
C TYR A 240 -7.80 4.78 11.83
N ASP A 241 -7.00 4.54 12.87
CA ASP A 241 -5.73 3.85 12.71
C ASP A 241 -5.94 2.44 12.16
N LEU A 242 -6.96 1.74 12.65
CA LEU A 242 -7.26 0.40 12.14
C LEU A 242 -7.68 0.45 10.68
N MET A 243 -8.48 1.46 10.32
CA MET A 243 -8.89 1.63 8.94
C MET A 243 -7.68 1.78 8.04
N ASN A 244 -6.73 2.62 8.47
CA ASN A 244 -5.54 2.83 7.67
C ASN A 244 -4.75 1.53 7.56
N LEU A 245 -4.73 0.72 8.63
CA LEU A 245 -4.06 -0.58 8.56
C LEU A 245 -4.78 -1.49 7.58
N CYS A 246 -6.13 -1.44 7.56
CA CYS A 246 -6.88 -2.22 6.58
C CYS A 246 -6.57 -1.79 5.16
N TRP A 247 -6.23 -0.52 4.96
CA TRP A 247 -5.94 0.02 3.64
C TRP A 247 -4.46 -0.07 3.32
N THR A 248 -3.77 -1.08 3.84
CA THR A 248 -2.37 -1.33 3.48
C THR A 248 -2.33 -1.77 2.01
N TYR A 249 -1.54 -1.04 1.22
CA TYR A 249 -1.49 -1.27 -0.22
C TYR A 249 -1.07 -2.69 -0.55
N ASP A 250 0.06 -3.14 -0.01
CA ASP A 250 0.66 -4.45 -0.30
C ASP A 250 -0.12 -5.55 0.41
N VAL A 251 -0.79 -6.40 -0.37
CA VAL A 251 -1.57 -7.49 0.22
C VAL A 251 -0.79 -8.29 1.27
N GLU A 252 0.53 -8.49 1.06
CA GLU A 252 1.31 -9.27 2.02
C GLU A 252 1.44 -8.63 3.40
N ASN A 253 1.49 -7.31 3.49
CA ASN A 253 1.65 -6.71 4.81
C ASN A 253 0.32 -6.32 5.44
N ARG A 254 -0.77 -6.47 4.70
CA ARG A 254 -2.07 -6.11 5.26
C ARG A 254 -2.50 -7.18 6.25
N PRO A 255 -3.12 -6.81 7.35
CA PRO A 255 -3.57 -7.82 8.31
C PRO A 255 -4.73 -8.66 7.81
N GLY A 256 -4.84 -9.87 8.39
CA GLY A 256 -5.98 -10.73 8.16
C GLY A 256 -7.09 -10.48 9.17
N PHE A 257 -8.21 -11.19 9.00
CA PHE A 257 -9.31 -10.94 9.92
C PHE A 257 -8.98 -11.39 11.34
N ALA A 258 -8.13 -12.39 11.50
CA ALA A 258 -7.76 -12.77 12.86
C ALA A 258 -7.14 -11.57 13.56
N ALA A 259 -6.19 -10.88 12.88
CA ALA A 259 -5.53 -9.71 13.45
C ALA A 259 -6.50 -8.54 13.61
N VAL A 260 -7.34 -8.29 12.61
CA VAL A 260 -8.34 -7.20 12.72
C VAL A 260 -9.28 -7.49 13.87
N GLU A 261 -9.85 -8.70 13.89
CA GLU A 261 -10.78 -9.06 14.95
C GLU A 261 -10.10 -8.97 16.31
N LEU A 262 -8.85 -9.44 16.39
CA LEU A 262 -8.15 -9.41 17.67
C LEU A 262 -7.97 -7.98 18.17
N ARG A 263 -7.57 -7.06 17.28
CA ARG A 263 -7.44 -5.66 17.66
C ARG A 263 -8.77 -5.08 18.11
N LEU A 264 -9.83 -5.36 17.38
CA LEU A 264 -11.14 -4.82 17.71
C LEU A 264 -11.64 -5.38 19.05
N ARG A 265 -11.39 -6.66 19.30
CA ARG A 265 -11.85 -7.25 20.55
C ARG A 265 -11.22 -6.54 21.75
N ASN A 266 -9.89 -6.38 21.75
CA ASN A 266 -9.21 -5.72 22.88
C ASN A 266 -9.69 -4.28 23.06
N TYR A 267 -9.87 -3.56 21.97
CA TYR A 267 -10.37 -2.20 22.08
C TYR A 267 -11.82 -2.20 22.57
N TYR B 2 6.55 23.43 10.45
CA TYR B 2 6.61 22.27 11.33
C TYR B 2 5.29 21.55 11.32
N LEU B 3 5.36 20.22 11.30
CA LEU B 3 4.19 19.38 11.27
C LEU B 3 3.58 19.24 12.66
N ASP B 4 2.29 18.92 12.70
CA ASP B 4 1.55 18.76 13.95
C ASP B 4 1.55 17.27 14.30
N ARG B 5 2.20 16.93 15.40
CA ARG B 5 2.27 15.54 15.86
C ARG B 5 0.91 14.88 16.01
N LYS B 6 -0.12 15.64 16.39
CA LYS B 6 -1.44 15.04 16.52
C LYS B 6 -1.97 14.51 15.19
N LEU B 7 -1.52 15.08 14.07
CA LEU B 7 -1.99 14.68 12.75
C LEU B 7 -1.15 13.56 12.15
N LEU B 8 -0.14 13.10 12.87
CA LEU B 8 0.74 12.03 12.43
C LEU B 8 0.49 10.79 13.28
N THR B 9 0.29 9.65 12.63
CA THR B 9 0.09 8.36 13.28
C THR B 9 1.17 7.40 12.82
N LEU B 10 2.04 6.96 13.73
CA LEU B 10 3.09 6.05 13.32
C LEU B 10 2.71 4.60 13.59
N GLU B 11 3.10 3.74 12.65
CA GLU B 11 2.95 2.30 12.74
C GLU B 11 4.15 1.72 13.46
N ASP B 12 3.92 0.70 14.27
CA ASP B 12 5.02 0.09 15.03
C ASP B 12 6.09 -0.56 14.14
N LYS B 13 5.70 -1.20 13.03
CA LYS B 13 6.69 -1.86 12.19
C LYS B 13 7.71 -0.84 11.66
N GLU B 14 8.94 -1.32 11.51
CA GLU B 14 10.02 -0.51 11.00
C GLU B 14 10.35 -0.80 9.56
N LEU B 15 10.55 0.26 8.79
CA LEU B 15 10.94 0.07 7.40
C LEU B 15 12.43 -0.22 7.31
N GLY B 16 13.21 0.49 8.11
CA GLY B 16 14.65 0.41 8.11
C GLY B 16 15.21 1.12 9.33
N SER B 17 16.54 1.21 9.34
CA SER B 17 17.24 1.82 10.47
C SER B 17 18.57 2.38 9.98
N GLY B 18 19.10 3.31 10.77
CA GLY B 18 20.36 3.98 10.49
C GLY B 18 20.89 4.54 11.78
N ASN B 19 22.10 5.13 11.70
CA ASN B 19 22.72 5.64 12.91
C ASN B 19 21.85 6.71 13.55
N PHE B 20 21.07 7.40 12.73
CA PHE B 20 20.11 8.38 13.19
C PHE B 20 19.05 7.76 14.09
N GLY B 21 18.71 6.51 13.80
CA GLY B 21 17.69 5.80 14.54
C GLY B 21 16.88 4.88 13.66
N THR B 22 15.56 5.01 13.68
CA THR B 22 14.73 4.11 12.89
C THR B 22 13.84 4.87 11.91
N VAL B 23 13.37 4.13 10.92
CA VAL B 23 12.38 4.56 9.95
C VAL B 23 11.08 3.79 10.13
N LYS B 24 9.97 4.50 10.27
CA LYS B 24 8.68 3.86 10.45
C LYS B 24 7.67 4.40 9.45
N LYS B 25 6.70 3.57 9.14
CA LYS B 25 5.60 3.97 8.29
C LYS B 25 4.60 4.71 9.14
N GLY B 26 3.94 5.70 8.55
CA GLY B 26 2.90 6.43 9.22
C GLY B 26 1.89 6.98 8.24
N TYR B 27 0.95 7.75 8.77
CA TYR B 27 -0.08 8.36 7.94
C TYR B 27 -0.17 9.78 8.45
N TYR B 28 -0.18 10.76 7.55
CA TYR B 28 -0.29 12.15 7.97
C TYR B 28 -1.52 12.77 7.37
N GLN B 29 -2.34 13.37 8.23
CA GLN B 29 -3.55 14.04 7.83
C GLN B 29 -3.16 15.37 7.20
N MET B 30 -3.38 15.50 5.89
CA MET B 30 -3.06 16.70 5.12
C MET B 30 -4.37 17.48 5.09
N LYS B 31 -4.55 18.27 4.02
CA LYS B 31 -5.70 19.17 3.87
C LYS B 31 -7.05 18.50 4.13
N LYS B 32 -7.34 17.43 3.39
CA LYS B 32 -8.50 16.61 3.68
C LYS B 32 -8.12 15.14 3.73
N VAL B 33 -7.71 14.61 2.59
CA VAL B 33 -7.07 13.30 2.43
C VAL B 33 -5.83 13.13 3.29
N VAL B 34 -5.54 11.89 3.63
CA VAL B 34 -4.42 11.50 4.48
C VAL B 34 -3.38 10.90 3.54
N LYS B 35 -2.12 11.20 3.82
CA LYS B 35 -0.99 10.81 3.00
C LYS B 35 -0.10 9.79 3.71
N THR B 36 0.18 8.66 3.04
CA THR B 36 1.08 7.66 3.60
C THR B 36 2.51 8.17 3.58
N VAL B 37 3.21 8.04 4.71
CA VAL B 37 4.54 8.61 4.83
C VAL B 37 5.50 7.60 5.43
N ALA B 38 6.80 7.87 5.23
CA ALA B 38 7.91 7.17 5.88
C ALA B 38 8.55 8.22 6.77
N VAL B 39 8.85 7.85 8.02
CA VAL B 39 9.32 8.81 9.00
C VAL B 39 10.66 8.35 9.56
N LYS B 40 11.65 9.24 9.50
CA LYS B 40 12.93 9.03 10.16
C LYS B 40 12.79 9.58 11.57
N ILE B 41 13.03 8.73 12.56
CA ILE B 41 12.88 9.10 13.96
C ILE B 41 14.25 9.10 14.61
N LEU B 42 14.61 10.23 15.20
CA LEU B 42 15.91 10.35 15.88
C LEU B 42 15.92 9.44 17.10
N LYS B 43 17.03 8.77 17.34
CA LYS B 43 17.13 7.76 18.39
C LYS B 43 18.15 8.11 19.45
N ALA B 50 24.35 16.37 18.11
CA ALA B 50 24.97 16.39 16.78
C ALA B 50 24.04 15.81 15.73
N LEU B 51 23.32 14.76 16.12
CA LEU B 51 22.38 14.10 15.22
C LEU B 51 21.22 15.02 14.85
N LYS B 52 20.74 15.82 15.80
CA LYS B 52 19.65 16.75 15.50
C LYS B 52 20.05 17.72 14.40
N ASP B 53 21.22 18.34 14.54
CA ASP B 53 21.71 19.25 13.50
C ASP B 53 21.83 18.54 12.16
N GLU B 54 22.27 17.28 12.16
CA GLU B 54 22.38 16.51 10.93
C GLU B 54 21.01 16.28 10.30
N LEU B 55 20.00 15.96 11.11
CA LEU B 55 18.66 15.77 10.57
C LEU B 55 18.11 17.08 10.04
N LEU B 56 18.35 18.16 10.77
CA LEU B 56 17.88 19.47 10.32
C LEU B 56 18.58 19.88 9.03
N ALA B 57 19.86 19.54 8.88
CA ALA B 57 20.58 19.82 7.65
C ALA B 57 19.99 19.02 6.48
N GLU B 58 19.64 17.75 6.73
CA GLU B 58 19.00 16.93 5.71
C GLU B 58 17.69 17.54 5.26
N ALA B 59 16.86 17.95 6.22
CA ALA B 59 15.58 18.58 5.86
C ALA B 59 15.82 19.84 5.06
N ASN B 60 16.83 20.62 5.46
CA ASN B 60 17.12 21.84 4.73
C ASN B 60 17.47 21.55 3.29
N VAL B 61 18.24 20.49 3.03
CA VAL B 61 18.50 20.12 1.65
C VAL B 61 17.20 19.70 0.97
N MET B 62 16.46 18.78 1.60
CA MET B 62 15.25 18.26 0.94
C MET B 62 14.22 19.36 0.65
N GLN B 63 14.14 20.37 1.52
CA GLN B 63 13.20 21.48 1.28
C GLN B 63 13.46 22.20 -0.05
N GLN B 64 14.73 22.26 -0.47
CA GLN B 64 15.14 22.96 -1.68
C GLN B 64 14.99 22.13 -2.95
N LEU B 65 14.74 20.84 -2.85
CA LEU B 65 14.70 20.02 -4.06
C LEU B 65 13.27 19.74 -4.45
N ASP B 66 13.01 19.81 -5.76
CA ASP B 66 11.67 19.61 -6.28
C ASP B 66 11.83 18.94 -7.64
N ASN B 67 11.76 17.61 -7.64
CA ASN B 67 11.98 16.87 -8.87
C ASN B 67 11.23 15.56 -8.74
N PRO B 68 10.67 15.03 -9.84
CA PRO B 68 9.90 13.78 -9.73
C PRO B 68 10.68 12.56 -9.30
N TYR B 69 12.01 12.56 -9.40
CA TYR B 69 12.82 11.40 -9.06
C TYR B 69 13.61 11.58 -7.77
N ILE B 70 13.14 12.46 -6.90
CA ILE B 70 13.69 12.69 -5.58
C ILE B 70 12.53 12.57 -4.59
N VAL B 71 12.72 11.78 -3.52
CA VAL B 71 11.71 11.64 -2.48
C VAL B 71 11.34 13.03 -1.98
N ARG B 72 10.05 13.29 -1.79
CA ARG B 72 9.65 14.60 -1.33
C ARG B 72 9.53 14.57 0.18
N MET B 73 9.97 15.64 0.82
CA MET B 73 9.78 15.80 2.25
C MET B 73 8.46 16.50 2.50
N ILE B 74 7.74 16.04 3.51
CA ILE B 74 6.51 16.73 3.93
C ILE B 74 6.85 17.79 4.96
N GLY B 75 7.70 17.46 5.92
CA GLY B 75 8.08 18.42 6.93
C GLY B 75 8.82 17.70 8.05
N ILE B 76 9.04 18.44 9.13
CA ILE B 76 9.75 17.94 10.30
C ILE B 76 8.80 18.06 11.47
N CYS B 77 8.98 17.21 12.47
CA CYS B 77 8.11 17.21 13.63
C CYS B 77 8.90 16.97 14.90
N GLU B 78 8.60 17.79 15.93
CA GLU B 78 9.22 17.71 17.24
C GLU B 78 8.25 17.12 18.25
N ALA B 79 8.44 15.84 18.57
CA ALA B 79 7.57 15.19 19.54
C ALA B 79 8.43 14.40 20.52
N GLU B 80 8.10 13.12 20.69
CA GLU B 80 8.90 12.25 21.54
C GLU B 80 10.36 12.23 21.08
N SER B 81 10.59 12.54 19.80
CA SER B 81 11.90 12.70 19.20
C SER B 81 11.73 13.58 17.97
N TRP B 82 12.85 14.04 17.43
CA TRP B 82 12.81 14.80 16.19
C TRP B 82 12.48 13.84 15.07
N MET B 83 11.58 14.24 14.18
CA MET B 83 11.15 13.35 13.11
C MET B 83 11.18 14.05 11.76
N LEU B 84 11.65 13.33 10.75
CA LEU B 84 11.70 13.81 9.37
C LEU B 84 10.67 12.98 8.61
N VAL B 85 9.62 13.65 8.17
CA VAL B 85 8.46 13.05 7.51
C VAL B 85 8.56 13.16 6.00
N MET B 86 8.46 12.03 5.30
CA MET B 86 8.64 12.09 3.87
C MET B 86 7.48 11.36 3.21
N GLU B 87 7.28 11.60 1.92
CA GLU B 87 6.27 10.83 1.20
C GLU B 87 6.70 9.39 1.19
N MET B 88 5.76 8.46 1.23
CA MET B 88 6.11 7.04 1.26
C MET B 88 6.33 6.53 -0.16
N ALA B 89 7.45 5.85 -0.38
CA ALA B 89 7.72 5.08 -1.59
C ALA B 89 7.47 3.66 -1.11
N GLU B 90 6.27 3.16 -1.42
CA GLU B 90 5.73 1.90 -0.89
C GLU B 90 6.63 0.67 -1.11
N LEU B 91 7.32 0.58 -2.23
CA LEU B 91 8.05 -0.65 -2.50
C LEU B 91 9.44 -0.71 -1.92
N GLY B 92 9.94 0.38 -1.36
CA GLY B 92 11.19 0.34 -0.65
C GLY B 92 12.44 0.34 -1.50
N PRO B 93 13.55 0.04 -0.84
CA PRO B 93 14.86 0.09 -1.50
C PRO B 93 15.01 -0.84 -2.70
N LEU B 94 15.68 -0.30 -3.72
CA LEU B 94 15.88 -1.00 -4.98
C LEU B 94 16.68 -2.29 -4.83
N ASN B 95 17.73 -2.28 -4.01
CA ASN B 95 18.52 -3.50 -3.89
C ASN B 95 17.69 -4.64 -3.31
N LYS B 96 16.94 -4.40 -2.22
CA LYS B 96 16.08 -5.44 -1.62
C LYS B 96 14.99 -5.89 -2.57
N TYR B 97 14.34 -4.96 -3.26
CA TYR B 97 13.30 -5.35 -4.22
C TYR B 97 13.84 -6.28 -5.29
N LEU B 98 14.99 -5.95 -5.86
CA LEU B 98 15.50 -6.78 -6.94
C LEU B 98 15.97 -8.13 -6.43
N GLN B 99 16.42 -8.19 -5.17
CA GLN B 99 16.81 -9.47 -4.60
C GLN B 99 15.61 -10.42 -4.52
N GLN B 100 14.43 -9.86 -4.33
CA GLN B 100 13.19 -10.58 -4.18
C GLN B 100 12.44 -10.71 -5.49
N ASN B 101 12.85 -10.00 -6.55
CA ASN B 101 12.14 -10.06 -7.83
C ASN B 101 13.11 -10.21 -9.00
N ARG B 102 13.72 -11.40 -9.05
CA ARG B 102 14.75 -11.74 -10.08
C ARG B 102 14.15 -11.85 -11.48
N HIS B 103 12.85 -11.60 -11.66
CA HIS B 103 12.27 -11.70 -12.98
C HIS B 103 12.03 -10.35 -13.61
N VAL B 104 12.53 -9.27 -12.98
CA VAL B 104 12.44 -7.95 -13.60
C VAL B 104 13.26 -7.97 -14.88
N LYS B 105 12.72 -7.39 -15.94
CA LYS B 105 13.43 -7.40 -17.22
C LYS B 105 14.49 -6.31 -17.32
N ASP B 106 15.56 -6.62 -18.04
CA ASP B 106 16.65 -5.68 -18.23
C ASP B 106 16.13 -4.32 -18.67
N LYS B 107 15.14 -4.33 -19.57
CA LYS B 107 14.53 -3.08 -20.01
C LYS B 107 13.98 -2.31 -18.82
N ASN B 108 13.36 -3.02 -17.87
CA ASN B 108 12.79 -2.40 -16.70
C ASN B 108 13.88 -1.78 -15.82
N ILE B 109 15.01 -2.48 -15.64
CA ILE B 109 16.15 -1.96 -14.87
C ILE B 109 16.72 -0.73 -15.54
N ILE B 110 16.84 -0.77 -16.87
CA ILE B 110 17.35 0.40 -17.57
C ILE B 110 16.45 1.60 -17.34
N GLU B 111 15.14 1.38 -17.41
CA GLU B 111 14.17 2.44 -17.14
C GLU B 111 14.42 3.06 -15.77
N LEU B 112 14.57 2.20 -14.75
CA LEU B 112 14.76 2.68 -13.38
C LEU B 112 16.09 3.38 -13.23
N VAL B 113 17.16 2.80 -13.77
CA VAL B 113 18.47 3.41 -13.64
C VAL B 113 18.52 4.71 -14.42
N HIS B 114 17.75 4.81 -15.51
CA HIS B 114 17.71 6.08 -16.22
C HIS B 114 17.01 7.15 -15.39
N GLN B 115 15.94 6.78 -14.68
CA GLN B 115 15.26 7.72 -13.80
C GLN B 115 16.21 8.21 -12.72
N VAL B 116 17.04 7.33 -12.16
CA VAL B 116 17.96 7.81 -11.15
C VAL B 116 18.89 8.84 -11.77
N SER B 117 19.36 8.59 -13.01
CA SER B 117 20.24 9.56 -13.67
C SER B 117 19.53 10.90 -13.93
N MET B 118 18.22 10.87 -14.17
CA MET B 118 17.52 12.15 -14.33
C MET B 118 17.44 12.88 -13.00
N GLY B 119 17.17 12.15 -11.92
CA GLY B 119 17.18 12.78 -10.62
C GLY B 119 18.56 13.32 -10.30
N MET B 120 19.62 12.56 -10.63
CA MET B 120 20.97 13.03 -10.36
C MET B 120 21.39 14.18 -11.27
N LYS B 121 20.92 14.20 -12.52
CA LYS B 121 21.18 15.35 -13.40
C LYS B 121 20.60 16.63 -12.79
N TYR B 122 19.41 16.53 -12.21
CA TYR B 122 18.79 17.67 -11.57
C TYR B 122 19.60 18.10 -10.35
N LEU B 123 20.04 17.13 -9.55
CA LEU B 123 20.87 17.45 -8.40
C LEU B 123 22.15 18.12 -8.84
N GLU B 124 22.76 17.62 -9.92
CA GLU B 124 23.99 18.24 -10.42
C GLU B 124 23.72 19.67 -10.91
N GLU B 125 22.62 19.87 -11.65
CA GLU B 125 22.26 21.20 -12.13
C GLU B 125 22.06 22.16 -10.96
N SER B 126 21.56 21.66 -9.84
CA SER B 126 21.28 22.42 -8.64
C SER B 126 22.52 22.64 -7.79
N ASN B 127 23.65 22.02 -8.16
CA ASN B 127 24.92 22.13 -7.44
C ASN B 127 24.85 21.56 -6.03
N PHE B 128 24.22 20.39 -5.92
CA PHE B 128 24.20 19.61 -4.70
C PHE B 128 24.94 18.31 -4.97
N VAL B 129 25.70 17.84 -3.98
CA VAL B 129 26.32 16.51 -4.08
C VAL B 129 25.57 15.58 -3.14
N HIS B 130 25.26 14.37 -3.59
CA HIS B 130 24.47 13.47 -2.78
C HIS B 130 25.33 12.81 -1.69
N ARG B 131 26.46 12.21 -2.09
CA ARG B 131 27.48 11.57 -1.25
C ARG B 131 27.07 10.24 -0.64
N ASP B 132 25.91 9.71 -0.99
CA ASP B 132 25.51 8.39 -0.52
C ASP B 132 24.68 7.68 -1.56
N LEU B 133 25.06 7.81 -2.83
CA LEU B 133 24.22 7.28 -3.89
C LEU B 133 24.52 5.78 -3.98
N ALA B 134 23.49 4.95 -3.80
CA ALA B 134 23.64 3.51 -3.74
C ALA B 134 22.26 2.92 -3.93
N ALA B 135 22.21 1.65 -4.34
CA ALA B 135 20.92 1.03 -4.60
C ALA B 135 20.05 1.01 -3.35
N ARG B 136 20.63 1.00 -2.16
CA ARG B 136 19.79 1.01 -0.96
C ARG B 136 19.07 2.35 -0.78
N ASN B 137 19.52 3.41 -1.46
CA ASN B 137 18.96 4.75 -1.36
C ASN B 137 18.23 5.14 -2.62
N VAL B 138 17.83 4.11 -3.37
CA VAL B 138 16.94 4.26 -4.57
C VAL B 138 15.61 3.60 -4.18
N LEU B 139 14.53 4.37 -4.00
CA LEU B 139 13.30 3.78 -3.51
C LEU B 139 12.36 3.67 -4.69
N LEU B 140 11.55 2.63 -4.65
CA LEU B 140 10.57 2.38 -5.68
C LEU B 140 9.20 2.79 -5.21
N VAL B 141 8.58 3.67 -5.99
CA VAL B 141 7.20 4.02 -5.77
C VAL B 141 6.34 2.90 -6.35
N THR B 142 6.72 2.46 -7.55
CA THR B 142 6.20 1.29 -8.24
C THR B 142 7.37 0.57 -8.89
N GLN B 143 7.09 -0.57 -9.53
CA GLN B 143 8.16 -1.28 -10.21
C GLN B 143 8.75 -0.50 -11.40
N HIS B 144 8.11 0.58 -11.83
CA HIS B 144 8.58 1.39 -12.95
C HIS B 144 8.82 2.85 -12.55
N TYR B 145 8.93 3.13 -11.25
CA TYR B 145 9.14 4.51 -10.80
C TYR B 145 10.09 4.53 -9.61
N ALA B 146 11.29 5.06 -9.83
CA ALA B 146 12.35 5.18 -8.84
C ALA B 146 12.53 6.62 -8.37
N LYS B 147 12.85 6.76 -7.10
CA LYS B 147 13.16 8.03 -6.46
C LYS B 147 14.41 7.90 -5.61
N ILE B 148 15.23 8.94 -5.62
CA ILE B 148 16.43 9.02 -4.81
C ILE B 148 16.09 9.49 -3.40
N SER B 149 16.70 8.89 -2.39
CA SER B 149 16.38 9.32 -1.02
C SER B 149 17.67 9.50 -0.22
N ASP B 150 17.53 9.75 1.09
CA ASP B 150 18.63 9.77 2.06
C ASP B 150 19.72 10.80 1.76
N PHE B 151 19.33 12.07 1.94
CA PHE B 151 20.19 13.21 1.71
C PHE B 151 21.02 13.58 2.95
N GLY B 152 21.17 12.63 3.89
CA GLY B 152 21.89 12.88 5.13
C GLY B 152 23.33 13.32 4.98
N LEU B 153 23.99 12.94 3.89
CA LEU B 153 25.37 13.35 3.67
C LEU B 153 25.49 14.46 2.63
N SER B 154 24.37 14.91 2.07
CA SER B 154 24.40 15.78 0.91
C SER B 154 24.87 17.19 1.28
N LYS B 155 25.44 17.88 0.31
CA LYS B 155 26.00 19.20 0.54
C LYS B 155 25.68 20.12 -0.63
N ALA B 156 25.40 21.39 -0.31
CA ALA B 156 25.21 22.43 -1.32
C ALA B 156 26.59 22.98 -1.67
N LEU B 157 26.99 22.87 -2.93
CA LEU B 157 28.30 23.36 -3.33
C LEU B 157 28.41 24.88 -3.27
N ARG B 158 29.60 25.37 -2.92
CA ARG B 158 29.85 26.81 -2.93
C ARG B 158 29.73 27.34 -4.35
N ALA B 159 29.36 28.61 -4.48
CA ALA B 159 29.21 29.21 -5.81
C ALA B 159 30.50 29.21 -6.60
N ASP B 160 31.64 29.16 -5.93
CA ASP B 160 32.93 29.27 -6.58
C ASP B 160 33.69 27.96 -6.66
N GLU B 161 33.13 26.84 -6.21
CA GLU B 161 33.87 25.59 -6.26
C GLU B 161 32.98 24.51 -6.84
N ASN B 162 33.60 23.49 -7.43
CA ASN B 162 32.86 22.38 -8.01
C ASN B 162 32.92 21.12 -7.14
N TYR B 163 33.42 21.25 -5.92
CA TYR B 163 33.51 20.18 -4.96
C TYR B 163 33.35 20.64 -3.52
N TYR B 164 32.96 19.71 -2.68
CA TYR B 164 32.89 19.88 -1.23
C TYR B 164 34.08 19.14 -0.64
N LYS B 165 34.83 19.80 0.22
CA LYS B 165 35.98 19.20 0.88
C LYS B 165 35.61 18.81 2.29
N ALA B 166 35.62 17.50 2.57
CA ALA B 166 35.32 17.02 3.91
C ALA B 166 36.51 17.32 4.82
N GLN B 167 36.24 17.54 6.09
CA GLN B 167 37.35 17.84 7.00
C GLN B 167 38.13 16.58 7.35
N THR B 168 37.44 15.53 7.78
CA THR B 168 38.08 14.26 8.12
C THR B 168 37.14 13.10 7.80
N HIS B 169 37.73 12.01 7.28
CA HIS B 169 37.05 10.74 7.04
C HIS B 169 36.06 10.41 8.15
N GLY B 170 34.81 10.16 7.77
CA GLY B 170 33.79 9.67 8.66
C GLY B 170 33.49 8.21 8.43
N LYS B 171 32.33 7.76 8.91
CA LYS B 171 31.86 6.42 8.58
C LYS B 171 31.19 6.49 7.20
N TRP B 172 31.94 6.11 6.16
CA TRP B 172 31.63 6.42 4.78
C TRP B 172 31.35 5.13 4.01
N PRO B 173 30.43 5.15 3.03
CA PRO B 173 30.20 3.96 2.16
C PRO B 173 31.30 3.84 1.10
N VAL B 174 32.49 3.52 1.62
CA VAL B 174 33.72 3.46 0.83
C VAL B 174 33.54 2.74 -0.50
N LYS B 175 32.79 1.62 -0.51
CA LYS B 175 32.64 0.86 -1.76
C LYS B 175 31.92 1.63 -2.84
N TRP B 176 31.26 2.73 -2.48
CA TRP B 176 30.56 3.56 -3.44
C TRP B 176 31.31 4.84 -3.75
N TYR B 177 32.45 5.07 -3.12
CA TYR B 177 33.20 6.32 -3.26
C TYR B 177 34.29 6.25 -4.30
N ALA B 178 34.41 7.33 -5.08
CA ALA B 178 35.42 7.47 -6.10
C ALA B 178 36.78 7.66 -5.42
N PRO B 179 37.85 7.38 -6.13
CA PRO B 179 39.21 7.56 -5.56
C PRO B 179 39.51 8.95 -4.99
N GLU B 180 39.06 10.03 -5.65
CA GLU B 180 39.35 11.35 -5.10
C GLU B 180 38.63 11.59 -3.78
N CYS B 181 37.53 10.88 -3.51
CA CYS B 181 36.86 11.03 -2.22
C CYS B 181 37.72 10.39 -1.13
N ILE B 182 38.20 9.18 -1.40
CA ILE B 182 38.99 8.44 -0.42
C ILE B 182 40.34 9.11 -0.20
N ASN B 183 41.01 9.51 -1.27
CA ASN B 183 42.36 10.05 -1.21
C ASN B 183 42.41 11.54 -0.86
N TYR B 184 41.48 12.35 -1.36
CA TYR B 184 41.56 13.80 -1.15
C TYR B 184 40.38 14.36 -0.39
N TYR B 185 39.40 13.53 -0.05
CA TYR B 185 38.23 13.97 0.69
C TYR B 185 37.43 14.98 -0.12
N LYS B 186 37.49 14.90 -1.46
CA LYS B 186 36.80 15.86 -2.32
C LYS B 186 35.59 15.22 -2.98
N PHE B 187 34.44 15.82 -2.80
CA PHE B 187 33.18 15.28 -3.28
C PHE B 187 32.54 16.23 -4.30
N SER B 188 32.33 15.75 -5.52
CA SER B 188 31.72 16.56 -6.58
C SER B 188 30.61 15.76 -7.22
N SER B 189 29.91 16.35 -8.19
CA SER B 189 28.91 15.55 -8.91
C SER B 189 29.56 14.40 -9.67
N LYS B 190 30.79 14.62 -10.13
CA LYS B 190 31.54 13.53 -10.77
C LYS B 190 31.80 12.39 -9.79
N SER B 191 31.97 12.71 -8.50
CA SER B 191 32.08 11.68 -7.48
C SER B 191 30.77 10.90 -7.38
N ASP B 192 29.63 11.60 -7.43
CA ASP B 192 28.37 10.88 -7.47
C ASP B 192 28.26 10.01 -8.72
N VAL B 193 28.86 10.44 -9.84
CA VAL B 193 28.83 9.60 -11.05
C VAL B 193 29.50 8.26 -10.80
N TRP B 194 30.64 8.27 -10.09
CA TRP B 194 31.30 7.00 -9.77
C TRP B 194 30.36 6.10 -8.97
N SER B 195 29.67 6.66 -7.98
CA SER B 195 28.72 5.85 -7.20
C SER B 195 27.60 5.36 -8.06
N PHE B 196 27.12 6.19 -8.99
CA PHE B 196 26.06 5.75 -9.89
C PHE B 196 26.48 4.52 -10.67
N GLY B 197 27.74 4.44 -11.05
CA GLY B 197 28.24 3.25 -11.70
C GLY B 197 28.16 2.04 -10.80
N VAL B 198 28.51 2.20 -9.53
CA VAL B 198 28.39 1.08 -8.58
C VAL B 198 26.91 0.72 -8.42
N LEU B 199 26.06 1.73 -8.30
CA LEU B 199 24.61 1.54 -8.22
C LEU B 199 24.09 0.77 -9.43
N MET B 200 24.53 1.14 -10.63
CA MET B 200 24.14 0.39 -11.82
C MET B 200 24.57 -1.06 -11.69
N TRP B 201 25.81 -1.28 -11.27
CA TRP B 201 26.28 -2.66 -11.11
C TRP B 201 25.35 -3.40 -10.15
N GLU B 202 24.97 -2.76 -9.04
CA GLU B 202 24.07 -3.39 -8.07
C GLU B 202 22.74 -3.75 -8.69
N ALA B 203 22.15 -2.82 -9.46
CA ALA B 203 20.84 -3.09 -10.04
C ALA B 203 20.86 -4.25 -11.02
N PHE B 204 21.86 -4.28 -11.91
CA PHE B 204 21.91 -5.37 -12.89
C PHE B 204 22.35 -6.67 -12.26
N SER B 205 22.84 -6.62 -11.04
CA SER B 205 23.21 -7.82 -10.30
C SER B 205 22.08 -8.22 -9.37
N TYR B 206 20.89 -7.62 -9.55
CA TYR B 206 19.72 -7.96 -8.73
C TYR B 206 20.01 -7.78 -7.24
N GLY B 207 20.63 -6.64 -6.91
CA GLY B 207 20.86 -6.29 -5.52
C GLY B 207 21.98 -7.00 -4.81
N GLN B 208 22.94 -7.56 -5.54
CA GLN B 208 24.12 -8.14 -4.90
C GLN B 208 24.95 -7.01 -4.33
N LYS B 209 25.65 -7.29 -3.24
CA LYS B 209 26.54 -6.29 -2.65
C LYS B 209 27.77 -6.14 -3.52
N PRO B 210 28.27 -4.93 -3.72
CA PRO B 210 29.47 -4.80 -4.55
C PRO B 210 30.71 -5.21 -3.78
N TYR B 211 31.72 -5.64 -4.53
CA TYR B 211 33.02 -6.04 -3.99
C TYR B 211 32.80 -7.03 -2.82
N ARG B 212 31.96 -8.03 -3.06
CA ARG B 212 31.64 -9.01 -2.02
C ARG B 212 32.89 -9.53 -1.32
N GLY B 213 32.86 -9.49 0.02
CA GLY B 213 33.91 -10.06 0.84
C GLY B 213 35.23 -9.33 0.88
N MET B 214 35.30 -8.12 0.35
CA MET B 214 36.53 -7.38 0.29
C MET B 214 36.45 -6.26 1.29
N LYS B 215 37.56 -5.94 1.94
CA LYS B 215 37.54 -4.78 2.81
C LYS B 215 37.60 -3.52 1.96
N GLY B 216 37.14 -2.40 2.51
CA GLY B 216 37.21 -1.13 1.77
C GLY B 216 38.61 -0.81 1.30
N SER B 217 39.61 -1.05 2.14
CA SER B 217 40.99 -0.80 1.77
C SER B 217 41.45 -1.72 0.63
N GLU B 218 40.93 -2.94 0.58
CA GLU B 218 41.27 -3.85 -0.51
C GLU B 218 40.64 -3.36 -1.80
N VAL B 219 39.46 -2.75 -1.71
CA VAL B 219 38.80 -2.20 -2.88
C VAL B 219 39.63 -1.08 -3.45
N THR B 220 40.10 -0.17 -2.57
CA THR B 220 40.94 0.95 -3.00
C THR B 220 42.20 0.47 -3.71
N ALA B 221 42.86 -0.57 -3.18
CA ALA B 221 44.05 -1.12 -3.84
C ALA B 221 43.71 -1.68 -5.21
N MET B 222 42.62 -2.42 -5.31
CA MET B 222 42.17 -2.99 -6.57
C MET B 222 41.95 -1.92 -7.63
N LEU B 223 41.20 -0.87 -7.27
CA LEU B 223 40.93 0.21 -8.21
C LEU B 223 42.19 0.92 -8.65
N GLU B 224 43.14 1.16 -7.72
CA GLU B 224 44.38 1.83 -8.10
C GLU B 224 45.15 1.03 -9.13
N LYS B 225 45.03 -0.28 -9.11
CA LYS B 225 45.63 -1.17 -10.11
C LYS B 225 44.87 -1.15 -11.43
N GLY B 226 43.81 -0.36 -11.56
CA GLY B 226 43.02 -0.35 -12.77
C GLY B 226 42.03 -1.50 -12.90
N GLU B 227 41.83 -2.28 -11.85
CA GLU B 227 40.89 -3.39 -11.89
C GLU B 227 39.51 -2.90 -11.51
N ARG B 228 38.48 -3.53 -12.12
CA ARG B 228 37.07 -3.19 -11.88
C ARG B 228 36.23 -4.46 -11.73
N MET B 229 35.04 -4.29 -11.10
CA MET B 229 34.09 -5.40 -11.00
C MET B 229 33.72 -5.91 -12.38
N GLY B 230 33.46 -7.22 -12.48
CA GLY B 230 33.06 -7.81 -13.74
C GLY B 230 31.63 -7.50 -14.12
N CYS B 231 31.27 -7.93 -15.32
CA CYS B 231 29.95 -7.70 -15.90
C CYS B 231 28.90 -8.57 -15.22
N PRO B 232 27.82 -7.98 -14.67
CA PRO B 232 26.76 -8.83 -14.09
C PRO B 232 26.14 -9.74 -15.13
N ALA B 233 25.65 -10.88 -14.67
CA ALA B 233 24.97 -11.83 -15.53
C ALA B 233 23.78 -11.16 -16.22
N GLY B 234 23.69 -11.29 -17.53
CA GLY B 234 22.58 -10.72 -18.23
C GLY B 234 22.63 -9.23 -18.42
N CYS B 235 23.71 -8.56 -18.00
CA CYS B 235 23.77 -7.13 -18.18
C CYS B 235 24.09 -6.80 -19.64
N PRO B 236 23.32 -5.92 -20.28
CA PRO B 236 23.62 -5.55 -21.66
C PRO B 236 25.01 -4.94 -21.75
N ARG B 237 25.73 -5.29 -22.82
CA ARG B 237 27.09 -4.78 -23.01
C ARG B 237 27.16 -3.26 -22.87
N GLU B 238 26.21 -2.55 -23.46
CA GLU B 238 26.21 -1.09 -23.38
C GLU B 238 26.10 -0.60 -21.94
N MET B 239 25.34 -1.30 -21.08
CA MET B 239 25.21 -0.86 -19.70
C MET B 239 26.48 -1.18 -18.91
N TYR B 240 27.12 -2.32 -19.19
CA TYR B 240 28.40 -2.56 -18.53
C TYR B 240 29.40 -1.53 -19.01
N ASP B 241 29.34 -1.18 -20.30
CA ASP B 241 30.24 -0.18 -20.85
C ASP B 241 30.04 1.16 -20.14
N LEU B 242 28.79 1.51 -19.85
CA LEU B 242 28.53 2.77 -19.16
C LEU B 242 29.11 2.76 -17.75
N MET B 243 29.01 1.62 -17.05
CA MET B 243 29.56 1.48 -15.71
C MET B 243 31.06 1.74 -15.69
N ASN B 244 31.77 1.15 -16.65
CA ASN B 244 33.20 1.31 -16.73
C ASN B 244 33.54 2.78 -16.96
N LEU B 245 32.72 3.46 -17.77
CA LEU B 245 32.91 4.89 -18.01
C LEU B 245 32.67 5.70 -16.72
N CYS B 246 31.66 5.33 -15.91
CA CYS B 246 31.42 5.98 -14.62
C CYS B 246 32.61 5.75 -13.69
N TRP B 247 33.30 4.65 -13.86
CA TRP B 247 34.43 4.31 -13.02
C TRP B 247 35.73 4.80 -13.62
N THR B 248 35.72 5.92 -14.33
CA THR B 248 36.95 6.53 -14.81
C THR B 248 37.73 7.07 -13.61
N TYR B 249 38.99 6.62 -13.48
CA TYR B 249 39.80 6.97 -12.32
C TYR B 249 39.95 8.48 -12.16
N ASP B 250 40.40 9.16 -13.21
CA ASP B 250 40.67 10.60 -13.22
C ASP B 250 39.37 11.41 -13.31
N VAL B 251 39.06 12.15 -12.23
CA VAL B 251 37.83 12.96 -12.19
C VAL B 251 37.65 13.80 -13.44
N GLU B 252 38.74 14.32 -14.00
CA GLU B 252 38.62 15.18 -15.16
C GLU B 252 38.07 14.46 -16.38
N ASN B 253 38.39 13.19 -16.56
CA ASN B 253 37.89 12.52 -17.74
C ASN B 253 36.59 11.77 -17.48
N ARG B 254 36.12 11.71 -16.23
CA ARG B 254 34.89 10.99 -15.98
C ARG B 254 33.73 11.87 -16.46
N PRO B 255 32.69 11.29 -17.05
CA PRO B 255 31.55 12.10 -17.50
C PRO B 255 30.74 12.65 -16.35
N GLY B 256 30.02 13.74 -16.62
CA GLY B 256 29.07 14.27 -15.65
C GLY B 256 27.69 13.65 -15.85
N PHE B 257 26.74 14.02 -14.98
CA PHE B 257 25.42 13.40 -15.13
C PHE B 257 24.70 13.82 -16.39
N ALA B 258 24.94 15.03 -16.91
CA ALA B 258 24.28 15.39 -18.15
C ALA B 258 24.66 14.39 -19.23
N ALA B 259 25.96 14.08 -19.33
CA ALA B 259 26.44 13.14 -20.33
C ALA B 259 25.94 11.74 -20.04
N VAL B 260 25.98 11.32 -18.77
CA VAL B 260 25.48 10.00 -18.38
C VAL B 260 23.99 9.89 -18.68
N GLU B 261 23.20 10.87 -18.25
CA GLU B 261 21.76 10.77 -18.52
C GLU B 261 21.50 10.69 -20.01
N LEU B 262 22.24 11.47 -20.80
CA LEU B 262 22.03 11.46 -22.23
C LEU B 262 22.31 10.09 -22.82
N ARG B 263 23.40 9.45 -22.38
CA ARG B 263 23.70 8.10 -22.86
C ARG B 263 22.61 7.11 -22.50
N LEU B 264 22.13 7.16 -21.26
CA LEU B 264 21.08 6.24 -20.84
C LEU B 264 19.79 6.51 -21.61
N ARG B 265 19.48 7.79 -21.83
CA ARG B 265 18.26 8.15 -22.54
C ARG B 265 18.29 7.58 -23.96
N ASN B 266 19.38 7.81 -24.71
CA ASN B 266 19.48 7.30 -26.08
C ASN B 266 19.42 5.79 -26.10
N TYR B 267 20.08 5.14 -25.14
CA TYR B 267 20.02 3.67 -25.08
C TYR B 267 18.61 3.21 -24.73
N TYR B 268 17.94 3.93 -23.86
CA TYR B 268 16.56 3.60 -23.55
C TYR B 268 15.67 3.84 -24.77
N TYR B 269 15.83 5.00 -25.42
CA TYR B 269 15.01 5.32 -26.58
C TYR B 269 15.37 4.48 -27.79
N ASP B 270 16.65 4.05 -27.91
CA ASP B 270 17.04 3.24 -29.07
C ASP B 270 16.45 1.83 -29.00
N VAL B 271 16.46 1.21 -27.82
CA VAL B 271 15.84 -0.11 -27.64
C VAL B 271 14.36 -0.09 -28.04
#